data_7OMN
#
_entry.id   7OMN
#
_cell.length_a   131.870
_cell.length_b   131.870
_cell.length_c   49.679
_cell.angle_alpha   90.000
_cell.angle_beta   90.000
_cell.angle_gamma   120.000
#
_symmetry.space_group_name_H-M   'P 64'
#
loop_
_entity.id
_entity.type
_entity.pdbx_description
1 polymer 'JD1-1 VH domain'
2 non-polymer IMIDAZOLE
3 non-polymer GLYCEROL
4 water water
#
_entity_poly.entity_id   1
_entity_poly.type   'polypeptide(L)'
_entity_poly.pdbx_seq_one_letter_code
;EVQLVESGGGLVQPGRSLRLSCAASGFDIAYYSIGWVRRAPGKGEELVARIYPSSSSTSYADSVKGRFTISADTSKNTAY
LQMNSLRAEDTAVYYCARWHYDYADWPGGYGMDYWGQGTLVTVSS
;
_entity_poly.pdbx_strand_id   A,B,C
#
loop_
_chem_comp.id
_chem_comp.type
_chem_comp.name
_chem_comp.formula
GOL non-polymer GLYCEROL 'C3 H8 O3'
IMD non-polymer IMIDAZOLE 'C3 H5 N2 1'
#
# COMPACT_ATOMS: atom_id res chain seq x y z
N GLU A 1 -1.15 -9.17 -24.05
CA GLU A 1 -2.31 -9.45 -24.87
C GLU A 1 -3.61 -9.27 -24.10
N VAL A 2 -3.55 -9.48 -22.78
CA VAL A 2 -4.67 -9.11 -21.91
C VAL A 2 -4.60 -7.62 -21.65
N GLN A 3 -5.70 -6.92 -21.94
CA GLN A 3 -5.77 -5.47 -21.79
C GLN A 3 -7.12 -5.08 -21.21
N LEU A 4 -7.13 -4.08 -20.34
CA LEU A 4 -8.36 -3.47 -19.86
C LEU A 4 -8.22 -1.98 -20.12
N VAL A 5 -9.06 -1.45 -21.01
CA VAL A 5 -8.97 -0.06 -21.44
C VAL A 5 -10.23 0.65 -20.95
N GLU A 6 -10.05 1.64 -20.08
CA GLU A 6 -11.16 2.34 -19.47
C GLU A 6 -11.52 3.61 -20.24
N SER A 7 -12.77 4.02 -20.09
CA SER A 7 -13.23 5.31 -20.58
C SER A 7 -14.44 5.75 -19.76
N GLY A 8 -14.86 7.01 -19.95
CA GLY A 8 -16.13 7.48 -19.44
C GLY A 8 -16.10 8.38 -18.21
N GLY A 9 -14.93 8.77 -17.73
CA GLY A 9 -14.86 9.62 -16.56
C GLY A 9 -15.09 11.07 -16.92
N GLY A 10 -14.99 11.93 -15.92
CA GLY A 10 -15.16 13.35 -16.17
C GLY A 10 -15.49 14.09 -14.90
N LEU A 11 -15.91 15.34 -15.09
CA LEU A 11 -16.19 16.29 -14.03
C LEU A 11 -17.64 16.72 -14.17
N VAL A 12 -18.45 16.45 -13.14
CA VAL A 12 -19.89 16.71 -13.17
C VAL A 12 -20.34 17.24 -11.82
N GLN A 13 -21.56 17.78 -11.79
CA GLN A 13 -22.14 18.31 -10.58
C GLN A 13 -22.72 17.21 -9.69
N PRO A 14 -22.86 17.48 -8.38
CA PRO A 14 -23.53 16.53 -7.50
C PRO A 14 -24.92 16.19 -8.01
N GLY A 15 -25.31 14.93 -7.80
CA GLY A 15 -26.58 14.42 -8.26
C GLY A 15 -26.59 13.90 -9.68
N ARG A 16 -25.58 14.22 -10.48
CA ARG A 16 -25.57 13.75 -11.84
C ARG A 16 -24.94 12.37 -11.91
N SER A 17 -24.80 11.86 -13.12
CA SER A 17 -24.40 10.47 -13.33
C SER A 17 -23.31 10.36 -14.39
N LEU A 18 -22.55 9.28 -14.30
CA LEU A 18 -21.52 8.91 -15.26
C LEU A 18 -21.59 7.41 -15.44
N ARG A 19 -21.10 6.94 -16.59
CA ARG A 19 -20.93 5.52 -16.82
C ARG A 19 -19.48 5.26 -17.20
N LEU A 20 -18.75 4.57 -16.35
CA LEU A 20 -17.42 4.11 -16.73
C LEU A 20 -17.52 2.84 -17.56
N SER A 21 -16.63 2.73 -18.55
CA SER A 21 -16.50 1.55 -19.40
C SER A 21 -15.13 0.92 -19.22
N CYS A 22 -15.09 -0.39 -19.34
CA CYS A 22 -13.86 -1.17 -19.24
C CYS A 22 -13.87 -2.17 -20.40
N ALA A 23 -13.16 -1.83 -21.49
CA ALA A 23 -13.15 -2.68 -22.68
C ALA A 23 -12.05 -3.74 -22.53
N ALA A 24 -12.45 -5.01 -22.51
CA ALA A 24 -11.51 -6.09 -22.28
C ALA A 24 -10.97 -6.65 -23.59
N SER A 25 -9.68 -6.98 -23.60
CA SER A 25 -9.03 -7.65 -24.72
C SER A 25 -8.26 -8.86 -24.21
N GLY A 26 -8.24 -9.92 -25.00
CA GLY A 26 -7.40 -11.07 -24.71
C GLY A 26 -8.04 -12.13 -23.82
N PHE A 27 -9.31 -12.00 -23.50
CA PHE A 27 -10.04 -12.99 -22.72
C PHE A 27 -11.53 -12.73 -22.90
N ASP A 28 -12.33 -13.74 -22.57
CA ASP A 28 -13.78 -13.66 -22.69
C ASP A 28 -14.34 -13.15 -21.38
N ILE A 29 -14.96 -11.97 -21.40
CA ILE A 29 -15.36 -11.33 -20.14
C ILE A 29 -16.43 -12.13 -19.42
N ALA A 30 -17.19 -12.96 -20.13
CA ALA A 30 -18.25 -13.73 -19.48
C ALA A 30 -17.69 -14.74 -18.48
N TYR A 31 -16.40 -15.07 -18.56
CA TYR A 31 -15.80 -16.10 -17.71
C TYR A 31 -14.88 -15.54 -16.64
N TYR A 32 -14.79 -14.22 -16.51
CA TYR A 32 -13.86 -13.61 -15.57
C TYR A 32 -14.58 -12.61 -14.68
N SER A 33 -14.13 -12.52 -13.44
CA SER A 33 -14.66 -11.52 -12.53
C SER A 33 -14.02 -10.17 -12.83
N ILE A 34 -14.85 -9.13 -12.92
CA ILE A 34 -14.39 -7.76 -13.13
C ILE A 34 -14.85 -6.91 -11.95
N GLY A 35 -14.03 -5.94 -11.54
CA GLY A 35 -14.39 -5.07 -10.46
C GLY A 35 -13.81 -3.69 -10.67
N TRP A 36 -14.19 -2.78 -9.78
CA TRP A 36 -13.70 -1.40 -9.81
C TRP A 36 -13.14 -1.04 -8.45
N VAL A 37 -11.94 -0.44 -8.44
CA VAL A 37 -11.27 0.05 -7.26
C VAL A 37 -11.11 1.56 -7.41
N ARG A 38 -11.06 2.29 -6.29
CA ARG A 38 -10.86 3.73 -6.37
C ARG A 38 -9.87 4.20 -5.30
N ARG A 39 -9.21 5.32 -5.59
CA ARG A 39 -8.22 5.89 -4.67
C ARG A 39 -8.26 7.41 -4.82
N ALA A 40 -7.84 8.12 -3.78
CA ALA A 40 -7.88 9.58 -3.79
C ALA A 40 -6.93 10.12 -2.73
N PRO A 41 -6.41 11.34 -2.90
CA PRO A 41 -5.49 11.91 -1.90
C PRO A 41 -6.16 12.06 -0.54
N GLY A 42 -5.41 11.72 0.51
CA GLY A 42 -5.93 11.83 1.86
C GLY A 42 -6.97 10.79 2.22
N LYS A 43 -7.25 9.85 1.33
CA LYS A 43 -8.13 8.72 1.59
C LYS A 43 -7.31 7.45 1.45
N GLY A 44 -7.94 6.34 1.74
CA GLY A 44 -7.21 5.14 1.44
C GLY A 44 -7.50 4.70 0.03
N GLU A 45 -7.66 3.41 -0.14
CA GLU A 45 -8.05 2.81 -1.40
C GLU A 45 -9.10 1.77 -1.07
N GLU A 46 -10.04 1.56 -2.00
CA GLU A 46 -11.25 0.85 -1.64
C GLU A 46 -11.78 0.10 -2.85
N LEU A 47 -12.25 -1.13 -2.62
CA LEU A 47 -12.97 -1.88 -3.64
C LEU A 47 -14.40 -1.38 -3.68
N VAL A 48 -14.85 -1.00 -4.88
CA VAL A 48 -16.14 -0.32 -5.08
C VAL A 48 -17.25 -1.29 -5.42
N ALA A 49 -16.98 -2.18 -6.36
CA ALA A 49 -18.00 -3.05 -6.95
C ALA A 49 -17.32 -4.21 -7.63
N ARG A 50 -18.01 -5.34 -7.69
CA ARG A 50 -17.44 -6.53 -8.30
C ARG A 50 -18.57 -7.36 -8.89
N ILE A 51 -18.33 -7.96 -10.06
CA ILE A 51 -19.28 -8.89 -10.66
C ILE A 51 -18.61 -10.25 -10.79
N TYR A 52 -19.39 -11.34 -10.46
CA TYR A 52 -18.81 -12.68 -10.39
C TYR A 52 -19.36 -13.56 -11.51
N PRO A 53 -18.52 -14.37 -12.17
CA PRO A 53 -18.99 -15.07 -13.38
C PRO A 53 -19.89 -16.26 -13.08
N SER A 54 -19.88 -16.79 -11.86
CA SER A 54 -20.69 -17.97 -11.53
C SER A 54 -22.17 -17.74 -11.81
N SER A 55 -22.74 -16.67 -11.24
CA SER A 55 -24.15 -16.36 -11.36
C SER A 55 -24.40 -14.94 -11.86
N SER A 56 -23.36 -14.23 -12.29
CA SER A 56 -23.43 -12.80 -12.63
C SER A 56 -23.97 -11.96 -11.48
N SER A 57 -23.81 -12.43 -10.24
CA SER A 57 -24.18 -11.62 -9.10
C SER A 57 -23.14 -10.53 -8.89
N THR A 58 -23.50 -9.56 -8.06
CA THR A 58 -22.67 -8.37 -7.87
C THR A 58 -22.56 -8.09 -6.38
N SER A 59 -21.51 -7.37 -6.00
CA SER A 59 -21.37 -6.87 -4.64
C SER A 59 -20.79 -5.46 -4.69
N TYR A 60 -21.10 -4.67 -3.67
CA TYR A 60 -20.80 -3.25 -3.64
C TYR A 60 -20.30 -2.82 -2.27
N ALA A 61 -19.43 -1.80 -2.26
CA ALA A 61 -19.09 -1.12 -1.02
C ALA A 61 -20.35 -0.48 -0.43
N ASP A 62 -20.39 -0.39 0.91
CA ASP A 62 -21.54 0.22 1.59
C ASP A 62 -21.80 1.64 1.09
N SER A 63 -20.74 2.41 0.83
CA SER A 63 -20.94 3.81 0.52
C SER A 63 -21.51 4.04 -0.88
N VAL A 64 -21.57 3.03 -1.73
CA VAL A 64 -22.07 3.23 -3.09
C VAL A 64 -23.28 2.37 -3.42
N LYS A 65 -23.67 1.44 -2.54
CA LYS A 65 -24.76 0.53 -2.85
C LYS A 65 -26.06 1.30 -3.06
N GLY A 66 -26.80 0.90 -4.09
CA GLY A 66 -28.01 1.57 -4.48
C GLY A 66 -27.80 2.74 -5.41
N ARG A 67 -26.58 3.27 -5.50
CA ARG A 67 -26.23 4.33 -6.45
C ARG A 67 -25.37 3.85 -7.61
N PHE A 68 -24.44 2.92 -7.38
CA PHE A 68 -23.60 2.38 -8.44
C PHE A 68 -24.08 1.00 -8.84
N THR A 69 -23.97 0.69 -10.13
CA THR A 69 -24.32 -0.63 -10.65
C THR A 69 -23.21 -1.11 -11.58
N ILE A 70 -22.69 -2.30 -11.32
CA ILE A 70 -21.71 -2.90 -12.19
C ILE A 70 -22.42 -3.93 -13.06
N SER A 71 -22.01 -4.00 -14.32
CA SER A 71 -22.62 -4.92 -15.27
C SER A 71 -21.60 -5.22 -16.37
N ALA A 72 -21.95 -6.15 -17.24
CA ALA A 72 -21.09 -6.53 -18.35
C ALA A 72 -21.94 -6.84 -19.57
N ASP A 73 -21.43 -6.47 -20.73
CA ASP A 73 -22.03 -6.76 -22.03
C ASP A 73 -21.12 -7.75 -22.72
N THR A 74 -21.50 -9.03 -22.69
CA THR A 74 -20.67 -10.06 -23.30
C THR A 74 -20.50 -9.83 -24.80
N SER A 75 -21.54 -9.30 -25.47
CA SER A 75 -21.43 -9.03 -26.90
C SER A 75 -20.29 -8.07 -27.20
N LYS A 76 -20.10 -7.07 -26.33
CA LYS A 76 -19.06 -6.06 -26.53
C LYS A 76 -17.79 -6.34 -25.75
N ASN A 77 -17.74 -7.43 -24.98
CA ASN A 77 -16.60 -7.75 -24.12
C ASN A 77 -16.20 -6.56 -23.25
N THR A 78 -17.20 -5.89 -22.68
CA THR A 78 -17.00 -4.66 -21.92
C THR A 78 -17.79 -4.73 -20.62
N ALA A 79 -17.18 -4.24 -19.53
CA ALA A 79 -17.88 -4.04 -18.29
C ALA A 79 -18.14 -2.56 -18.06
N TYR A 80 -19.15 -2.27 -17.26
CA TYR A 80 -19.58 -0.90 -17.00
C TYR A 80 -19.78 -0.70 -15.51
N LEU A 81 -19.50 0.52 -15.06
CA LEU A 81 -19.89 1.00 -13.74
C LEU A 81 -20.80 2.20 -13.95
N GLN A 82 -22.10 2.00 -13.71
CA GLN A 82 -23.07 3.09 -13.83
C GLN A 82 -23.12 3.82 -12.50
N MET A 83 -22.70 5.09 -12.49
CA MET A 83 -22.57 5.85 -11.24
C MET A 83 -23.69 6.89 -11.20
N ASN A 84 -24.76 6.59 -10.49
CA ASN A 84 -25.86 7.54 -10.33
C ASN A 84 -25.75 8.29 -9.01
N SER A 85 -26.43 9.43 -8.94
CA SER A 85 -26.53 10.25 -7.72
C SER A 85 -25.16 10.56 -7.15
N LEU A 86 -24.27 11.05 -8.01
CA LEU A 86 -22.89 11.26 -7.60
C LEU A 86 -22.79 12.25 -6.45
N ARG A 87 -21.85 11.99 -5.55
CA ARG A 87 -21.61 12.80 -4.35
C ARG A 87 -20.17 13.28 -4.33
N ALA A 88 -19.93 14.39 -3.65
CA ALA A 88 -18.60 14.98 -3.60
C ALA A 88 -17.56 13.95 -3.19
N GLU A 89 -17.90 13.11 -2.20
CA GLU A 89 -16.94 12.12 -1.72
C GLU A 89 -16.66 11.00 -2.73
N ASP A 90 -17.35 10.96 -3.88
CA ASP A 90 -17.02 9.98 -4.91
C ASP A 90 -15.84 10.40 -5.77
N THR A 91 -15.35 11.64 -5.64
CA THR A 91 -14.19 12.09 -6.41
C THR A 91 -12.99 11.18 -6.14
N ALA A 92 -12.44 10.60 -7.21
CA ALA A 92 -11.36 9.62 -7.07
C ALA A 92 -10.89 9.20 -8.45
N VAL A 93 -9.74 8.55 -8.50
CA VAL A 93 -9.32 7.83 -9.68
C VAL A 93 -9.84 6.40 -9.57
N TYR A 94 -10.60 5.96 -10.57
CA TYR A 94 -11.21 4.64 -10.59
C TYR A 94 -10.46 3.72 -11.55
N TYR A 95 -10.24 2.48 -11.12
CA TYR A 95 -9.55 1.47 -11.92
C TYR A 95 -10.45 0.27 -12.14
N CYS A 96 -10.52 -0.20 -13.38
CA CYS A 96 -11.06 -1.52 -13.67
C CYS A 96 -10.03 -2.60 -13.32
N ALA A 97 -10.51 -3.74 -12.85
CA ALA A 97 -9.62 -4.83 -12.46
C ALA A 97 -10.23 -6.16 -12.86
N ARG A 98 -9.37 -7.11 -13.18
CA ARG A 98 -9.74 -8.50 -13.44
C ARG A 98 -9.13 -9.38 -12.36
N TRP A 99 -9.84 -10.45 -12.01
CA TRP A 99 -9.31 -11.45 -11.10
C TRP A 99 -8.81 -12.66 -11.88
N HIS A 100 -7.79 -13.30 -11.32
CA HIS A 100 -7.32 -14.58 -11.83
C HIS A 100 -8.44 -15.61 -11.75
N TYR A 101 -8.42 -16.57 -12.69
CA TYR A 101 -9.44 -17.62 -12.71
C TYR A 101 -9.56 -18.29 -11.34
N ASP A 102 -8.44 -18.51 -10.65
CA ASP A 102 -8.46 -19.24 -9.39
C ASP A 102 -9.29 -18.55 -8.33
N TYR A 103 -9.56 -17.25 -8.48
CA TYR A 103 -10.29 -16.47 -7.49
C TYR A 103 -11.52 -15.81 -8.09
N ALA A 104 -11.99 -16.31 -9.24
CA ALA A 104 -13.07 -15.66 -9.97
C ALA A 104 -14.32 -15.46 -9.12
N ASP A 105 -14.68 -16.47 -8.31
CA ASP A 105 -15.86 -16.39 -7.46
C ASP A 105 -15.51 -16.36 -5.98
N TRP A 106 -14.30 -15.92 -5.64
CA TRP A 106 -13.85 -15.84 -4.26
C TRP A 106 -13.87 -14.38 -3.84
N PRO A 107 -14.71 -13.99 -2.87
CA PRO A 107 -14.92 -12.55 -2.61
C PRO A 107 -13.71 -11.93 -1.94
N GLY A 108 -13.48 -10.67 -2.22
CA GLY A 108 -12.38 -9.91 -1.64
C GLY A 108 -11.47 -9.32 -2.71
N GLY A 109 -10.52 -8.53 -2.22
CA GLY A 109 -9.53 -7.93 -3.10
C GLY A 109 -8.42 -8.87 -3.53
N TYR A 110 -8.22 -9.95 -2.78
CA TYR A 110 -7.23 -10.95 -3.13
C TYR A 110 -7.52 -11.56 -4.49
N GLY A 111 -6.47 -11.80 -5.27
CA GLY A 111 -6.59 -12.51 -6.54
C GLY A 111 -6.63 -11.66 -7.80
N MET A 112 -6.64 -10.32 -7.69
CA MET A 112 -6.59 -9.50 -8.89
C MET A 112 -5.33 -9.81 -9.70
N ASP A 113 -5.45 -9.77 -11.03
CA ASP A 113 -4.27 -10.00 -11.86
C ASP A 113 -4.08 -9.03 -13.02
N TYR A 114 -5.07 -8.18 -13.33
CA TYR A 114 -4.89 -7.12 -14.33
C TYR A 114 -5.67 -5.88 -13.93
N TRP A 115 -5.18 -4.71 -14.34
CA TRP A 115 -5.79 -3.43 -14.00
C TRP A 115 -5.77 -2.49 -15.20
N GLY A 116 -6.80 -1.65 -15.29
CA GLY A 116 -6.84 -0.59 -16.28
C GLY A 116 -5.89 0.54 -15.91
N GLN A 117 -5.94 1.60 -16.73
CA GLN A 117 -5.01 2.73 -16.59
C GLN A 117 -5.45 3.75 -15.56
N GLY A 118 -6.71 3.73 -15.14
CA GLY A 118 -7.20 4.71 -14.20
C GLY A 118 -8.01 5.78 -14.91
N THR A 119 -9.14 6.13 -14.32
CA THR A 119 -10.07 7.12 -14.87
C THR A 119 -10.50 8.03 -13.75
N LEU A 120 -10.24 9.32 -13.91
CA LEU A 120 -10.61 10.30 -12.91
C LEU A 120 -12.08 10.68 -13.02
N VAL A 121 -12.78 10.57 -11.90
CA VAL A 121 -14.15 11.04 -11.77
C VAL A 121 -14.16 12.12 -10.70
N THR A 122 -14.71 13.28 -11.02
CA THR A 122 -14.72 14.39 -10.08
C THR A 122 -16.13 14.94 -9.99
N VAL A 123 -16.59 15.13 -8.77
CA VAL A 123 -17.87 15.75 -8.48
C VAL A 123 -17.59 17.13 -7.93
N SER A 124 -18.17 18.16 -8.54
CA SER A 124 -17.74 19.54 -8.26
C SER A 124 -18.46 20.14 -7.08
N GLU B 1 5.03 -12.33 15.31
CA GLU B 1 5.59 -13.52 14.67
C GLU B 1 6.21 -13.21 13.32
N VAL B 2 5.76 -12.12 12.68
CA VAL B 2 6.23 -11.77 11.35
C VAL B 2 7.65 -11.21 11.46
N GLN B 3 8.59 -11.81 10.72
CA GLN B 3 9.93 -11.25 10.65
C GLN B 3 10.47 -11.37 9.23
N LEU B 4 11.24 -10.35 8.82
CA LEU B 4 11.88 -10.27 7.51
C LEU B 4 13.33 -9.95 7.78
N VAL B 5 14.24 -10.81 7.34
CA VAL B 5 15.65 -10.74 7.72
C VAL B 5 16.49 -10.67 6.45
N GLU B 6 17.03 -9.50 6.16
CA GLU B 6 17.77 -9.29 4.92
C GLU B 6 19.25 -9.64 5.10
N SER B 7 19.87 -10.04 4.00
CA SER B 7 21.32 -10.25 3.94
C SER B 7 21.81 -9.99 2.53
N GLY B 8 23.11 -9.79 2.38
CA GLY B 8 23.73 -9.68 1.07
C GLY B 8 24.30 -8.31 0.75
N GLY B 9 23.99 -7.28 1.54
CA GLY B 9 24.52 -5.97 1.26
C GLY B 9 26.03 -5.93 1.41
N GLY B 10 26.61 -4.87 0.87
CA GLY B 10 28.04 -4.67 0.94
C GLY B 10 28.46 -3.64 -0.07
N LEU B 11 29.78 -3.47 -0.20
CA LEU B 11 30.34 -2.57 -1.17
C LEU B 11 30.54 -3.28 -2.51
N VAL B 12 30.17 -2.60 -3.60
CA VAL B 12 30.32 -3.16 -4.94
C VAL B 12 30.87 -2.09 -5.86
N GLN B 13 31.58 -2.53 -6.89
CA GLN B 13 32.11 -1.62 -7.88
C GLN B 13 31.04 -1.29 -8.91
N PRO B 14 30.95 -0.03 -9.34
CA PRO B 14 30.01 0.33 -10.40
C PRO B 14 30.12 -0.61 -11.59
N GLY B 15 28.97 -1.08 -12.07
CA GLY B 15 28.91 -2.02 -13.16
C GLY B 15 28.84 -3.47 -12.75
N ARG B 16 29.13 -3.80 -11.49
CA ARG B 16 29.09 -5.18 -11.05
C ARG B 16 27.72 -5.51 -10.46
N SER B 17 27.59 -6.69 -9.86
CA SER B 17 26.29 -7.19 -9.45
C SER B 17 26.31 -7.62 -7.99
N LEU B 18 25.11 -7.83 -7.46
CA LEU B 18 24.92 -8.15 -6.05
C LEU B 18 23.55 -8.80 -5.91
N ARG B 19 23.45 -9.78 -5.02
CA ARG B 19 22.20 -10.48 -4.76
C ARG B 19 21.83 -10.31 -3.30
N LEU B 20 20.64 -9.75 -3.05
CA LEU B 20 20.11 -9.64 -1.69
C LEU B 20 19.15 -10.78 -1.42
N SER B 21 19.08 -11.18 -0.14
CA SER B 21 18.12 -12.19 0.28
C SER B 21 17.29 -11.64 1.43
N CYS B 22 16.05 -12.14 1.52
CA CYS B 22 15.12 -11.78 2.60
C CYS B 22 14.51 -13.10 3.08
N ALA B 23 14.95 -13.57 4.24
CA ALA B 23 14.41 -14.78 4.85
C ALA B 23 13.20 -14.40 5.69
N ALA B 24 12.03 -14.88 5.29
CA ALA B 24 10.78 -14.56 5.96
C ALA B 24 10.36 -15.66 6.94
N SER B 25 9.67 -15.26 8.00
CA SER B 25 9.09 -16.19 8.95
C SER B 25 7.82 -15.60 9.53
N GLY B 26 6.96 -16.49 10.03
CA GLY B 26 5.67 -16.09 10.57
C GLY B 26 4.55 -16.05 9.56
N PHE B 27 4.83 -16.38 8.30
CA PHE B 27 3.83 -16.40 7.25
C PHE B 27 4.39 -17.22 6.09
N ASP B 28 3.50 -17.67 5.21
CA ASP B 28 3.89 -18.42 4.02
C ASP B 28 4.12 -17.42 2.89
N ILE B 29 5.37 -17.32 2.43
CA ILE B 29 5.67 -16.32 1.41
C ILE B 29 4.94 -16.59 0.11
N ALA B 30 4.47 -17.83 -0.11
CA ALA B 30 3.85 -18.16 -1.38
C ALA B 30 2.56 -17.39 -1.62
N TYR B 31 1.85 -17.03 -0.56
CA TYR B 31 0.55 -16.39 -0.67
C TYR B 31 0.56 -14.89 -0.40
N TYR B 32 1.70 -14.33 0.00
CA TYR B 32 1.79 -12.90 0.30
C TYR B 32 2.61 -12.19 -0.76
N SER B 33 2.41 -10.88 -0.85
CA SER B 33 3.24 -10.06 -1.70
C SER B 33 4.47 -9.63 -0.90
N ILE B 34 5.63 -9.76 -1.52
CA ILE B 34 6.90 -9.27 -1.01
C ILE B 34 7.49 -8.30 -2.01
N GLY B 35 8.16 -7.25 -1.51
CA GLY B 35 8.81 -6.29 -2.35
C GLY B 35 10.13 -5.84 -1.74
N TRP B 36 10.86 -5.03 -2.50
CA TRP B 36 12.07 -4.40 -2.00
C TRP B 36 11.90 -2.88 -2.10
N VAL B 37 12.21 -2.18 -1.03
CA VAL B 37 12.20 -0.73 -1.01
C VAL B 37 13.60 -0.30 -0.67
N ARG B 38 13.93 0.95 -0.97
CA ARG B 38 15.24 1.46 -0.60
C ARG B 38 15.12 2.88 -0.07
N ARG B 39 15.94 3.19 0.93
CA ARG B 39 15.98 4.50 1.57
C ARG B 39 17.41 5.03 1.47
N ALA B 40 17.56 6.13 0.81
CA ALA B 40 18.77 6.91 0.76
C ALA B 40 18.52 8.27 1.40
N PRO B 41 19.49 8.84 2.12
CA PRO B 41 19.24 10.10 2.83
C PRO B 41 18.71 11.20 1.93
N GLY B 42 17.61 11.82 2.37
CA GLY B 42 16.98 12.88 1.61
C GLY B 42 16.04 12.44 0.52
N LYS B 43 15.94 11.15 0.21
CA LYS B 43 15.14 10.67 -0.90
C LYS B 43 13.91 9.87 -0.46
N GLY B 44 13.58 9.85 0.83
CA GLY B 44 12.37 9.14 1.20
C GLY B 44 12.51 7.63 1.00
N GLU B 45 11.39 6.97 0.73
CA GLU B 45 11.37 5.53 0.48
C GLU B 45 10.88 5.26 -0.94
N GLU B 46 11.65 4.46 -1.68
CA GLU B 46 11.36 4.16 -3.09
C GLU B 46 11.10 2.67 -3.24
N LEU B 47 9.93 2.33 -3.75
CA LEU B 47 9.63 0.94 -4.06
C LEU B 47 10.38 0.54 -5.34
N VAL B 48 11.21 -0.50 -5.22
CA VAL B 48 12.11 -0.95 -6.28
C VAL B 48 11.52 -2.11 -7.07
N ALA B 49 10.88 -3.05 -6.39
CA ALA B 49 10.48 -4.28 -7.05
C ALA B 49 9.42 -4.97 -6.21
N ARG B 50 8.54 -5.72 -6.87
CA ARG B 50 7.47 -6.39 -6.15
C ARG B 50 7.10 -7.69 -6.87
N ILE B 51 6.73 -8.70 -6.07
CA ILE B 51 6.17 -9.96 -6.53
C ILE B 51 4.71 -10.02 -6.13
N TYR B 52 3.84 -10.33 -7.10
CA TYR B 52 2.41 -10.45 -6.81
C TYR B 52 2.03 -11.91 -6.92
N PRO B 53 1.46 -12.51 -5.89
CA PRO B 53 1.26 -13.97 -5.90
C PRO B 53 0.22 -14.48 -6.89
N SER B 54 -0.95 -13.83 -6.98
CA SER B 54 -2.04 -14.47 -7.74
C SER B 54 -1.80 -14.41 -9.24
N SER B 55 -1.14 -13.36 -9.72
CA SER B 55 -0.79 -13.22 -11.12
C SER B 55 0.57 -13.80 -11.45
N SER B 56 1.32 -14.24 -10.43
CA SER B 56 2.70 -14.69 -10.60
C SER B 56 3.48 -13.72 -11.45
N SER B 57 3.39 -12.44 -11.10
CA SER B 57 4.05 -11.42 -11.90
C SER B 57 4.93 -10.56 -11.02
N THR B 58 5.70 -9.71 -11.68
CA THR B 58 6.62 -8.80 -11.02
C THR B 58 6.45 -7.42 -11.61
N SER B 59 6.83 -6.40 -10.84
CA SER B 59 6.88 -5.04 -11.35
C SER B 59 8.07 -4.34 -10.74
N TYR B 60 8.52 -3.29 -11.42
CA TYR B 60 9.76 -2.60 -11.06
C TYR B 60 9.60 -1.10 -11.25
N ALA B 61 10.37 -0.34 -10.46
CA ALA B 61 10.52 1.08 -10.74
C ALA B 61 11.28 1.27 -12.05
N ASP B 62 10.89 2.31 -12.80
CA ASP B 62 11.60 2.64 -14.04
C ASP B 62 13.10 2.74 -13.83
N SER B 63 13.54 3.23 -12.67
CA SER B 63 14.95 3.45 -12.39
C SER B 63 15.78 2.17 -12.40
N VAL B 64 15.16 1.01 -12.20
CA VAL B 64 15.87 -0.25 -12.10
C VAL B 64 15.37 -1.29 -13.09
N LYS B 65 14.34 -0.98 -13.87
CA LYS B 65 13.76 -1.97 -14.78
C LYS B 65 14.82 -2.51 -15.73
N GLY B 66 14.88 -3.83 -15.86
CA GLY B 66 15.85 -4.48 -16.73
C GLY B 66 17.22 -4.71 -16.11
N ARG B 67 17.52 -4.08 -14.99
CA ARG B 67 18.74 -4.37 -14.23
C ARG B 67 18.49 -5.22 -13.00
N PHE B 68 17.33 -5.07 -12.34
CA PHE B 68 17.01 -5.79 -11.12
C PHE B 68 15.97 -6.87 -11.43
N THR B 69 16.06 -7.98 -10.72
CA THR B 69 15.08 -9.04 -10.84
C THR B 69 14.69 -9.51 -9.45
N ILE B 70 13.40 -9.51 -9.14
CA ILE B 70 12.92 -10.05 -7.87
C ILE B 70 12.41 -11.48 -8.11
N SER B 71 12.68 -12.36 -7.15
CA SER B 71 12.21 -13.74 -7.22
C SER B 71 12.01 -14.26 -5.81
N ALA B 72 11.46 -15.46 -5.71
CA ALA B 72 11.21 -16.05 -4.40
C ALA B 72 11.38 -17.56 -4.47
N ASP B 73 11.96 -18.12 -3.41
CA ASP B 73 12.00 -19.56 -3.18
C ASP B 73 10.96 -19.85 -2.10
N THR B 74 9.78 -20.34 -2.51
CA THR B 74 8.71 -20.49 -1.53
C THR B 74 8.99 -21.61 -0.54
N SER B 75 9.78 -22.62 -0.94
CA SER B 75 10.10 -23.72 -0.03
C SER B 75 11.09 -23.29 1.05
N LYS B 76 12.01 -22.38 0.74
CA LYS B 76 12.86 -21.77 1.76
C LYS B 76 12.25 -20.52 2.37
N ASN B 77 11.05 -20.12 1.94
CA ASN B 77 10.37 -18.92 2.42
C ASN B 77 11.29 -17.70 2.36
N THR B 78 12.03 -17.57 1.24
CA THR B 78 13.01 -16.51 1.05
C THR B 78 12.75 -15.78 -0.27
N ALA B 79 12.87 -14.46 -0.26
CA ALA B 79 12.82 -13.66 -1.47
C ALA B 79 14.22 -13.16 -1.81
N TYR B 80 14.41 -12.81 -3.09
CA TYR B 80 15.72 -12.37 -3.57
C TYR B 80 15.56 -11.13 -4.42
N LEU B 81 16.60 -10.30 -4.43
CA LEU B 81 16.74 -9.20 -5.39
C LEU B 81 18.08 -9.36 -6.08
N GLN B 82 18.06 -9.72 -7.37
CA GLN B 82 19.27 -9.78 -8.17
C GLN B 82 19.50 -8.40 -8.77
N MET B 83 20.61 -7.76 -8.39
CA MET B 83 20.92 -6.40 -8.82
C MET B 83 22.11 -6.45 -9.77
N ASN B 84 21.85 -6.23 -11.06
CA ASN B 84 22.89 -6.22 -12.08
C ASN B 84 23.21 -4.79 -12.51
N SER B 85 24.42 -4.60 -13.03
CA SER B 85 24.89 -3.32 -13.57
C SER B 85 24.63 -2.16 -12.62
N LEU B 86 25.10 -2.30 -11.38
CA LEU B 86 24.81 -1.34 -10.34
C LEU B 86 25.51 -0.01 -10.60
N ARG B 87 24.83 1.08 -10.26
CA ARG B 87 25.34 2.43 -10.42
C ARG B 87 25.41 3.10 -9.06
N ALA B 88 26.19 4.19 -9.00
CA ALA B 88 26.39 4.90 -7.75
C ALA B 88 25.07 5.34 -7.13
N GLU B 89 24.11 5.71 -7.96
CA GLU B 89 22.83 6.16 -7.43
C GLU B 89 21.95 5.03 -6.90
N ASP B 90 22.39 3.77 -7.02
CA ASP B 90 21.70 2.66 -6.37
C ASP B 90 22.09 2.49 -4.91
N THR B 91 23.04 3.30 -4.42
CA THR B 91 23.41 3.26 -3.01
C THR B 91 22.21 3.63 -2.14
N ALA B 92 21.96 2.80 -1.14
CA ALA B 92 20.79 2.92 -0.27
C ALA B 92 20.83 1.80 0.76
N VAL B 93 20.01 1.94 1.80
CA VAL B 93 19.61 0.80 2.62
C VAL B 93 18.40 0.16 1.94
N TYR B 94 18.51 -1.14 1.64
CA TYR B 94 17.44 -1.88 0.99
C TYR B 94 16.69 -2.69 2.04
N TYR B 95 15.37 -2.55 2.04
CA TYR B 95 14.51 -3.28 2.97
C TYR B 95 13.63 -4.23 2.20
N CYS B 96 13.53 -5.44 2.72
CA CYS B 96 12.42 -6.33 2.39
C CYS B 96 11.14 -5.78 3.00
N ALA B 97 10.03 -5.90 2.27
CA ALA B 97 8.75 -5.42 2.79
C ALA B 97 7.64 -6.41 2.44
N ARG B 98 6.60 -6.43 3.27
CA ARG B 98 5.47 -7.32 3.05
C ARG B 98 4.16 -6.52 3.03
N TRP B 99 3.21 -6.99 2.21
CA TRP B 99 1.87 -6.45 2.18
C TRP B 99 0.94 -7.29 3.07
N HIS B 100 -0.07 -6.64 3.62
CA HIS B 100 -1.16 -7.34 4.29
C HIS B 100 -1.76 -8.35 3.33
N TYR B 101 -2.14 -9.53 3.85
CA TYR B 101 -2.62 -10.61 2.99
C TYR B 101 -3.68 -10.13 1.99
N ASP B 102 -4.64 -9.34 2.46
CA ASP B 102 -5.75 -8.91 1.62
C ASP B 102 -5.32 -7.93 0.54
N TYR B 103 -4.10 -7.40 0.60
CA TYR B 103 -3.59 -6.48 -0.41
C TYR B 103 -2.45 -7.10 -1.21
N ALA B 104 -2.30 -8.42 -1.15
CA ALA B 104 -1.22 -9.10 -1.87
C ALA B 104 -1.25 -8.77 -3.35
N ASP B 105 -2.44 -8.67 -3.94
CA ASP B 105 -2.61 -8.40 -5.37
C ASP B 105 -3.16 -7.01 -5.62
N TRP B 106 -2.81 -6.08 -4.76
CA TRP B 106 -3.34 -4.73 -4.79
C TRP B 106 -2.19 -3.78 -5.08
N PRO B 107 -2.15 -3.15 -6.25
CA PRO B 107 -0.99 -2.33 -6.63
C PRO B 107 -0.69 -1.19 -5.66
N GLY B 108 0.59 -0.83 -5.61
CA GLY B 108 1.04 0.31 -4.85
C GLY B 108 1.28 -0.05 -3.39
N GLY B 109 1.80 0.92 -2.66
CA GLY B 109 2.16 0.68 -1.27
C GLY B 109 1.06 0.71 -0.23
N TYR B 110 -0.20 0.95 -0.62
CA TYR B 110 -1.25 1.12 0.38
C TYR B 110 -1.28 -0.03 1.39
N GLY B 111 -1.15 -1.26 0.91
CA GLY B 111 -1.23 -2.45 1.73
C GLY B 111 0.04 -2.85 2.46
N MET B 112 1.14 -2.14 2.26
CA MET B 112 2.39 -2.53 2.88
C MET B 112 2.30 -2.32 4.39
N ASP B 113 2.67 -3.35 5.16
CA ASP B 113 2.47 -3.30 6.61
C ASP B 113 3.69 -3.69 7.44
N TYR B 114 4.74 -4.24 6.83
CA TYR B 114 5.93 -4.69 7.55
C TYR B 114 7.17 -4.43 6.72
N TRP B 115 8.25 -4.05 7.39
CA TRP B 115 9.55 -3.87 6.78
C TRP B 115 10.57 -4.67 7.56
N GLY B 116 11.67 -5.03 6.90
CA GLY B 116 12.73 -5.78 7.54
C GLY B 116 13.74 -4.91 8.26
N GLN B 117 14.92 -5.48 8.49
CA GLN B 117 15.98 -4.78 9.21
C GLN B 117 16.79 -3.84 8.32
N GLY B 118 16.74 -4.05 7.00
CA GLY B 118 17.57 -3.29 6.09
C GLY B 118 18.96 -3.89 5.89
N THR B 119 19.47 -3.77 4.67
CA THR B 119 20.85 -4.14 4.38
C THR B 119 21.47 -3.06 3.50
N LEU B 120 22.65 -2.58 3.89
CA LEU B 120 23.23 -1.42 3.25
C LEU B 120 23.96 -1.83 1.99
N VAL B 121 23.63 -1.18 0.87
CA VAL B 121 24.28 -1.41 -0.41
C VAL B 121 25.00 -0.13 -0.80
N THR B 122 26.32 -0.20 -0.98
CA THR B 122 27.11 0.96 -1.36
C THR B 122 27.82 0.67 -2.67
N VAL B 123 27.72 1.61 -3.62
CA VAL B 123 28.24 1.45 -4.97
C VAL B 123 29.24 2.58 -5.20
N SER B 124 30.53 2.25 -5.21
CA SER B 124 31.57 3.28 -5.33
C SER B 124 32.89 2.66 -5.74
N GLU C 1 12.58 21.32 4.59
CA GLU C 1 11.38 22.10 4.88
C GLU C 1 10.32 21.25 5.58
N VAL C 2 10.07 20.05 5.06
CA VAL C 2 9.14 19.12 5.70
C VAL C 2 9.87 18.44 6.85
N GLN C 3 9.30 18.53 8.05
CA GLN C 3 9.84 17.83 9.21
C GLN C 3 8.71 17.28 10.06
N LEU C 4 9.02 16.20 10.79
CA LEU C 4 8.11 15.61 11.75
C LEU C 4 8.93 15.28 12.99
N VAL C 5 8.42 15.69 14.15
CA VAL C 5 9.14 15.57 15.41
C VAL C 5 8.22 14.91 16.43
N GLU C 6 8.64 13.77 16.95
CA GLU C 6 7.83 12.99 17.88
C GLU C 6 8.20 13.33 19.34
N SER C 7 7.19 13.36 20.20
CA SER C 7 7.38 13.57 21.62
C SER C 7 6.52 12.59 22.41
N GLY C 8 6.87 12.42 23.69
CA GLY C 8 6.00 11.74 24.63
C GLY C 8 6.39 10.33 25.00
N GLY C 9 7.43 9.77 24.39
CA GLY C 9 7.90 8.46 24.79
C GLY C 9 8.36 8.46 26.24
N GLY C 10 8.59 7.26 26.75
CA GLY C 10 9.10 7.12 28.10
C GLY C 10 8.91 5.70 28.61
N LEU C 11 9.15 5.55 29.92
CA LEU C 11 9.05 4.27 30.61
C LEU C 11 7.68 4.12 31.23
N VAL C 12 7.06 2.96 31.05
CA VAL C 12 5.72 2.72 31.54
C VAL C 12 5.60 1.25 31.94
N GLN C 13 4.78 1.01 32.98
CA GLN C 13 4.54 -0.36 33.42
C GLN C 13 3.47 -1.00 32.55
N PRO C 14 3.49 -2.33 32.43
CA PRO C 14 2.48 -3.02 31.63
C PRO C 14 1.07 -2.77 32.16
N GLY C 15 0.13 -2.63 31.23
CA GLY C 15 -1.24 -2.29 31.53
C GLY C 15 -1.53 -0.81 31.55
N ARG C 16 -0.50 0.03 31.68
CA ARG C 16 -0.68 1.47 31.72
C ARG C 16 -0.72 2.06 30.31
N SER C 17 -0.81 3.38 30.24
CA SER C 17 -1.08 4.07 28.99
C SER C 17 -0.08 5.20 28.78
N LEU C 18 0.03 5.64 27.52
CA LEU C 18 0.95 6.71 27.16
C LEU C 18 0.41 7.38 25.90
N ARG C 19 0.74 8.66 25.72
CA ARG C 19 0.26 9.42 24.57
C ARG C 19 1.45 10.09 23.89
N LEU C 20 1.61 9.81 22.59
CA LEU C 20 2.67 10.42 21.80
C LEU C 20 2.08 11.50 20.92
N SER C 21 2.93 12.48 20.55
CA SER C 21 2.56 13.53 19.63
C SER C 21 3.59 13.59 18.50
N CYS C 22 3.14 14.10 17.35
CA CYS C 22 3.97 14.23 16.15
C CYS C 22 3.73 15.61 15.57
N ALA C 23 4.67 16.52 15.78
CA ALA C 23 4.51 17.89 15.31
C ALA C 23 5.04 17.99 13.88
N ALA C 24 4.18 18.38 12.96
CA ALA C 24 4.50 18.46 11.54
C ALA C 24 4.72 19.90 11.12
N SER C 25 5.86 20.19 10.50
CA SER C 25 6.13 21.48 9.90
C SER C 25 6.46 21.30 8.42
N GLY C 26 6.07 22.29 7.62
CA GLY C 26 6.32 22.28 6.19
C GLY C 26 5.16 21.84 5.32
N PHE C 27 4.06 21.38 5.91
CA PHE C 27 2.91 20.95 5.13
C PHE C 27 1.68 20.96 6.03
N ASP C 28 0.52 20.76 5.42
CA ASP C 28 -0.77 20.85 6.09
C ASP C 28 -1.33 19.44 6.26
N ILE C 29 -1.21 18.91 7.48
CA ILE C 29 -1.60 17.53 7.78
C ILE C 29 -3.03 17.27 7.35
N ALA C 30 -3.80 18.33 7.09
CA ALA C 30 -5.17 18.16 6.62
C ALA C 30 -5.23 17.49 5.24
N TYR C 31 -4.13 17.50 4.48
CA TYR C 31 -4.15 16.98 3.12
C TYR C 31 -3.33 15.71 2.94
N TYR C 32 -2.49 15.34 3.90
CA TYR C 32 -1.62 14.19 3.80
C TYR C 32 -2.05 13.14 4.83
N SER C 33 -2.09 11.87 4.38
CA SER C 33 -2.21 10.75 5.30
C SER C 33 -0.94 10.64 6.15
N ILE C 34 -1.11 10.47 7.46
CA ILE C 34 -0.03 10.45 8.42
C ILE C 34 -0.15 9.16 9.23
N GLY C 35 0.98 8.56 9.59
CA GLY C 35 0.91 7.30 10.31
C GLY C 35 2.04 7.11 11.29
N TRP C 36 1.90 6.10 12.14
CA TRP C 36 2.90 5.69 13.10
C TRP C 36 3.45 4.31 12.76
N VAL C 37 4.77 4.18 12.76
CA VAL C 37 5.50 2.95 12.53
C VAL C 37 6.35 2.70 13.77
N ARG C 38 6.51 1.44 14.16
CA ARG C 38 7.35 1.12 15.31
C ARG C 38 8.45 0.16 14.91
N ARG C 39 9.63 0.34 15.50
CA ARG C 39 10.80 -0.47 15.16
C ARG C 39 11.63 -0.71 16.41
N ALA C 40 12.32 -1.85 16.43
CA ALA C 40 13.19 -2.24 17.53
C ALA C 40 14.27 -3.15 16.95
N PRO C 41 15.45 -3.17 17.56
CA PRO C 41 16.57 -3.91 16.94
C PRO C 41 16.23 -5.37 16.70
N GLY C 42 16.47 -5.82 15.47
CA GLY C 42 16.20 -7.20 15.08
C GLY C 42 14.75 -7.54 14.87
N LYS C 43 13.83 -6.60 15.09
CA LYS C 43 12.41 -6.86 14.95
C LYS C 43 11.79 -6.11 13.78
N GLY C 44 12.60 -5.58 12.88
CA GLY C 44 12.01 -4.91 11.72
C GLY C 44 11.19 -3.68 12.10
N GLU C 45 10.25 -3.34 11.24
CA GLU C 45 9.36 -2.20 11.43
C GLU C 45 7.95 -2.64 11.10
N GLU C 46 6.98 -2.12 11.84
CA GLU C 46 5.59 -2.53 11.72
C GLU C 46 4.72 -1.27 11.66
N LEU C 47 3.86 -1.17 10.64
CA LEU C 47 2.92 -0.07 10.57
C LEU C 47 1.87 -0.24 11.68
N VAL C 48 1.72 0.78 12.52
CA VAL C 48 0.88 0.71 13.72
C VAL C 48 -0.49 1.32 13.49
N ALA C 49 -0.53 2.55 12.99
CA ALA C 49 -1.79 3.27 12.84
C ALA C 49 -1.62 4.33 11.76
N ARG C 50 -2.71 4.61 11.06
CA ARG C 50 -2.63 5.60 10.00
C ARG C 50 -3.96 6.33 9.94
N ILE C 51 -3.91 7.63 9.66
CA ILE C 51 -5.09 8.49 9.64
C ILE C 51 -5.23 9.08 8.24
N TYR C 52 -6.45 9.09 7.74
CA TYR C 52 -6.75 9.50 6.37
C TYR C 52 -7.64 10.73 6.46
N PRO C 53 -7.08 11.93 6.34
CA PRO C 53 -7.84 13.13 6.72
C PRO C 53 -9.01 13.42 5.79
N SER C 54 -8.86 13.17 4.48
CA SER C 54 -9.91 13.55 3.55
C SER C 54 -11.16 12.69 3.70
N SER C 55 -11.03 11.48 4.21
CA SER C 55 -12.18 10.65 4.50
C SER C 55 -12.48 10.56 5.99
N SER C 56 -11.76 11.33 6.81
CA SER C 56 -11.92 11.30 8.26
C SER C 56 -11.97 9.87 8.79
N SER C 57 -11.00 9.06 8.36
CA SER C 57 -10.93 7.65 8.71
C SER C 57 -9.57 7.31 9.30
N THR C 58 -9.48 6.09 9.85
CA THR C 58 -8.27 5.58 10.48
C THR C 58 -8.12 4.10 10.17
N SER C 59 -6.90 3.59 10.32
CA SER C 59 -6.66 2.15 10.22
C SER C 59 -5.57 1.76 11.21
N TYR C 60 -5.60 0.49 11.63
CA TYR C 60 -4.78 -0.03 12.72
C TYR C 60 -4.27 -1.43 12.42
N ALA C 61 -3.07 -1.72 12.90
CA ALA C 61 -2.61 -3.11 12.92
C ALA C 61 -3.48 -3.93 13.85
N ASP C 62 -3.72 -5.19 13.48
CA ASP C 62 -4.49 -6.10 14.31
C ASP C 62 -3.92 -6.21 15.72
N SER C 63 -2.60 -6.13 15.87
CA SER C 63 -1.99 -6.26 17.19
C SER C 63 -2.33 -5.11 18.14
N VAL C 64 -2.79 -3.96 17.64
CA VAL C 64 -3.06 -2.81 18.50
C VAL C 64 -4.51 -2.36 18.44
N LYS C 65 -5.34 -2.98 17.59
CA LYS C 65 -6.72 -2.53 17.42
C LYS C 65 -7.46 -2.58 18.76
N GLY C 66 -8.16 -1.50 19.08
CA GLY C 66 -8.87 -1.39 20.34
C GLY C 66 -8.03 -0.91 21.51
N ARG C 67 -6.71 -0.92 21.39
CA ARG C 67 -5.81 -0.38 22.41
C ARG C 67 -5.21 0.95 22.03
N PHE C 68 -4.90 1.17 20.76
CA PHE C 68 -4.29 2.41 20.29
C PHE C 68 -5.32 3.21 19.49
N THR C 69 -5.15 4.53 19.51
CA THR C 69 -6.01 5.45 18.77
C THR C 69 -5.13 6.54 18.16
N ILE C 70 -5.26 6.76 16.86
CA ILE C 70 -4.56 7.85 16.20
C ILE C 70 -5.56 8.98 16.00
N SER C 71 -5.10 10.22 16.17
CA SER C 71 -5.96 11.39 16.01
C SER C 71 -5.09 12.56 15.55
N ALA C 72 -5.72 13.71 15.32
CA ALA C 72 -4.97 14.85 14.83
C ALA C 72 -5.60 16.16 15.29
N ASP C 73 -4.74 17.14 15.57
CA ASP C 73 -5.14 18.50 15.87
C ASP C 73 -4.65 19.36 14.71
N THR C 74 -5.57 19.65 13.77
CA THR C 74 -5.17 20.40 12.58
C THR C 74 -4.66 21.79 12.95
N SER C 75 -5.23 22.42 13.98
CA SER C 75 -4.81 23.77 14.36
C SER C 75 -3.35 23.78 14.81
N LYS C 76 -2.92 22.74 15.55
CA LYS C 76 -1.53 22.60 15.95
C LYS C 76 -0.70 21.89 14.89
N ASN C 77 -1.31 21.38 13.82
CA ASN C 77 -0.62 20.64 12.78
C ASN C 77 0.14 19.46 13.38
N THR C 78 -0.55 18.70 14.22
CA THR C 78 0.07 17.69 15.05
C THR C 78 -0.83 16.47 15.10
N ALA C 79 -0.23 15.28 15.04
CA ALA C 79 -0.97 14.03 15.17
C ALA C 79 -0.63 13.38 16.50
N TYR C 80 -1.54 12.54 16.99
CA TYR C 80 -1.37 11.90 18.29
C TYR C 80 -1.59 10.40 18.19
N LEU C 81 -0.92 9.66 19.07
CA LEU C 81 -1.16 8.23 19.23
C LEU C 81 -1.45 8.01 20.71
N GLN C 82 -2.69 7.64 21.03
CA GLN C 82 -3.04 7.28 22.39
C GLN C 82 -2.79 5.78 22.53
N MET C 83 -1.95 5.39 23.49
CA MET C 83 -1.59 3.98 23.64
C MET C 83 -2.05 3.46 25.01
N ASN C 84 -3.08 2.64 25.01
CA ASN C 84 -3.64 2.07 26.23
C ASN C 84 -3.28 0.60 26.37
N SER C 85 -3.34 0.10 27.60
CA SER C 85 -3.17 -1.32 27.88
C SER C 85 -1.86 -1.83 27.28
N LEU C 86 -0.76 -1.16 27.64
CA LEU C 86 0.51 -1.45 27.01
C LEU C 86 1.09 -2.78 27.52
N ARG C 87 1.76 -3.50 26.63
CA ARG C 87 2.39 -4.77 26.95
C ARG C 87 3.89 -4.66 26.68
N ALA C 88 4.66 -5.57 27.29
CA ALA C 88 6.11 -5.55 27.11
C ALA C 88 6.49 -5.54 25.63
N GLU C 89 5.78 -6.31 24.81
CA GLU C 89 6.05 -6.43 23.38
C GLU C 89 5.73 -5.16 22.59
N ASP C 90 5.09 -4.16 23.18
CA ASP C 90 4.92 -2.86 22.52
C ASP C 90 6.18 -2.00 22.58
N THR C 91 7.21 -2.44 23.30
CA THR C 91 8.45 -1.69 23.41
C THR C 91 9.10 -1.50 22.04
N ALA C 92 9.41 -0.25 21.71
CA ALA C 92 9.98 0.12 20.40
C ALA C 92 10.16 1.62 20.34
N VAL C 93 10.86 2.06 19.30
CA VAL C 93 10.78 3.45 18.89
C VAL C 93 9.56 3.60 17.99
N TYR C 94 8.74 4.60 18.27
CA TYR C 94 7.56 4.92 17.49
C TYR C 94 7.83 6.19 16.70
N TYR C 95 7.79 6.09 15.38
CA TYR C 95 8.05 7.26 14.58
C TYR C 95 6.86 7.57 13.68
N CYS C 96 6.75 8.84 13.34
CA CYS C 96 5.66 9.41 12.58
C CYS C 96 6.13 9.61 11.14
N ALA C 97 5.25 9.34 10.18
CA ALA C 97 5.66 9.45 8.80
C ALA C 97 4.53 10.02 7.97
N ARG C 98 4.90 10.72 6.89
CA ARG C 98 3.97 11.20 5.90
C ARG C 98 3.97 10.26 4.70
N TRP C 99 2.80 10.00 4.13
CA TRP C 99 2.70 9.09 3.00
C TRP C 99 2.49 9.86 1.70
N HIS C 100 3.20 9.42 0.67
CA HIS C 100 3.17 10.08 -0.63
C HIS C 100 2.04 9.48 -1.47
N TYR C 101 1.00 10.27 -1.70
CA TYR C 101 0.01 9.91 -2.70
C TYR C 101 0.57 10.25 -4.08
N ASP C 102 0.54 9.29 -5.00
CA ASP C 102 1.09 9.52 -6.34
C ASP C 102 -0.06 9.62 -7.32
N TYR C 103 -0.27 10.81 -7.89
CA TYR C 103 -1.44 10.99 -8.76
C TYR C 103 -1.29 10.26 -10.09
N ALA C 104 -0.08 9.89 -10.50
CA ALA C 104 0.13 9.34 -11.83
C ALA C 104 0.52 7.87 -11.85
N ASP C 105 1.18 7.38 -10.79
CA ASP C 105 1.84 6.08 -10.75
C ASP C 105 1.28 5.29 -9.57
N TRP C 106 0.16 4.61 -9.78
CA TRP C 106 -0.43 3.78 -8.71
C TRP C 106 0.48 2.65 -8.25
N PRO C 107 1.08 1.82 -9.12
CA PRO C 107 1.94 0.74 -8.59
C PRO C 107 3.15 1.23 -7.83
N GLY C 108 3.63 2.44 -8.10
CA GLY C 108 4.78 2.96 -7.40
C GLY C 108 4.49 3.89 -6.24
N GLY C 109 3.21 4.13 -5.92
CA GLY C 109 2.84 5.14 -4.96
C GLY C 109 2.61 4.62 -3.55
N TYR C 110 2.13 5.52 -2.71
CA TYR C 110 1.76 5.24 -1.32
C TYR C 110 2.94 4.70 -0.51
N GLY C 111 4.10 5.33 -0.67
CA GLY C 111 5.24 5.09 0.20
C GLY C 111 5.51 6.31 1.06
N MET C 112 6.14 6.08 2.22
CA MET C 112 6.57 7.19 3.06
C MET C 112 7.50 8.10 2.28
N ASP C 113 7.29 9.41 2.35
CA ASP C 113 8.29 10.29 1.78
C ASP C 113 9.03 11.14 2.80
N TYR C 114 8.47 11.35 3.99
CA TYR C 114 9.20 11.98 5.08
C TYR C 114 8.82 11.30 6.39
N TRP C 115 9.73 11.39 7.37
CA TRP C 115 9.45 10.77 8.66
C TRP C 115 10.38 11.39 9.70
N GLY C 116 9.98 11.23 10.96
CA GLY C 116 10.79 11.69 12.06
C GLY C 116 11.72 10.65 12.61
N GLN C 117 12.54 11.08 13.56
CA GLN C 117 13.44 10.16 14.25
C GLN C 117 12.67 9.18 15.12
N GLY C 118 11.53 9.59 15.66
CA GLY C 118 10.75 8.75 16.54
C GLY C 118 11.07 8.98 18.01
N THR C 119 10.26 8.36 18.86
CA THR C 119 10.39 8.48 20.31
C THR C 119 10.29 7.09 20.93
N LEU C 120 11.15 6.84 21.91
CA LEU C 120 11.31 5.51 22.47
C LEU C 120 10.26 5.26 23.56
N VAL C 121 9.58 4.12 23.46
CA VAL C 121 8.58 3.69 24.44
C VAL C 121 9.05 2.35 25.01
N THR C 122 9.29 2.30 26.32
CA THR C 122 9.70 1.07 26.99
C THR C 122 8.60 0.63 27.95
N VAL C 123 8.20 -0.63 27.84
CA VAL C 123 7.18 -1.22 28.69
C VAL C 123 7.84 -2.37 29.45
N SER C 124 8.02 -2.21 30.76
CA SER C 124 8.60 -3.29 31.57
C SER C 124 8.14 -3.22 33.03
N1 IMD D . -17.71 -6.10 -2.11
C2 IMD D . -17.59 -5.79 -3.42
N3 IMD D . -17.05 -4.56 -3.51
C4 IMD D . -16.83 -4.09 -2.27
C5 IMD D . -17.25 -5.07 -1.37
N1 IMD E . -18.73 -11.55 -14.92
C2 IMD E . -20.07 -11.79 -14.95
N3 IMD E . -20.53 -11.47 -16.18
C4 IMD E . -19.49 -11.02 -16.93
C5 IMD E . -18.35 -11.06 -16.13
C1 GOL F . -13.91 7.81 -2.07
O1 GOL F . -13.45 8.82 -2.91
C2 GOL F . -12.68 7.12 -1.46
O2 GOL F . -13.00 5.99 -0.75
C3 GOL F . -11.72 6.85 -2.59
O3 GOL F . -10.64 6.11 -2.01
N1 IMD G . -2.52 -2.94 5.70
C2 IMD G . -3.88 -3.03 5.77
N3 IMD G . -4.41 -1.89 5.28
C4 IMD G . -3.41 -1.07 4.90
C5 IMD G . -2.21 -1.73 5.17
N1 IMD H . 7.55 -1.30 -8.23
C2 IMD H . 6.52 -1.66 -9.04
N3 IMD H . 6.10 -0.56 -9.68
C4 IMD H . 6.84 0.50 -9.30
C5 IMD H . 7.76 0.02 -8.37
N1 IMD I . -2.16 -1.45 9.21
C2 IMD I . -3.03 -0.70 8.50
N3 IMD I . -3.08 0.56 9.01
C4 IMD I . -2.22 0.60 10.06
C5 IMD I . -1.66 -0.66 10.18
N1 IMD J . 7.37 2.23 -0.41
C2 IMD J . 6.10 1.82 -0.66
N3 IMD J . 5.67 2.46 -1.77
C4 IMD J . 6.64 3.27 -2.24
C5 IMD J . 7.71 3.13 -1.37
#